data_6TJ6
#
_entry.id   6TJ6
#
_cell.length_a   86.831
_cell.length_b   86.831
_cell.length_c   54.938
_cell.angle_alpha   90.000
_cell.angle_beta   90.000
_cell.angle_gamma   90.000
#
_symmetry.space_group_name_H-M   'P 41'
#
loop_
_entity.id
_entity.type
_entity.pdbx_description
1 polymer 'Calmodulin, putative'
2 polymer 'Myosin light chain TgMLC1'
3 polymer 'Myosin A'
4 non-polymer IMIDAZOLE
5 water water
#
loop_
_entity_poly.entity_id
_entity_poly.type
_entity_poly.pdbx_seq_one_letter_code
_entity_poly.pdbx_strand_id
1 'polypeptide(L)'
;SMTCPPRVREAFALFDTDGDGEISGRDLVLAIRSCGVSPTPDEIKALPMSMAWPDFEAWMSKKLASYNPEEELIKSFKAF
DRSNDGTVSADELSQVMLALGELLSDEEVKAMIKEADPNGTGKIQYANFVKMLLK
;
A
2 'polypeptide(L)'
;ADEDMQEALEEMVEADEMYARFNARASGGKVSTGDAMILARQLGLAPSYADKQAFEEKSGDNLDYASFQKFVGTSTHPED
NIEDLVEAFAYFDVSKHGYLTRKQMGNILMTYGEPLTTEEFNALAAEYFTSDQIDYRQFCKAMLEAENLYFQ
;
B
3 'polypeptide(L)' GAMASSWEPLVSVLEAYYAGRRHKKQLLKKTPFIIRAQAHIRRHLV C
#
# COMPACT_ATOMS: atom_id res chain seq x y z
N PRO A 5 -8.71 -4.09 2.44
CA PRO A 5 -8.92 -2.74 2.97
C PRO A 5 -10.05 -2.02 2.23
N PRO A 6 -10.72 -1.09 2.90
CA PRO A 6 -11.79 -0.32 2.25
C PRO A 6 -11.30 0.35 0.97
N ARG A 7 -12.20 0.42 -0.02
CA ARG A 7 -11.79 0.71 -1.39
C ARG A 7 -11.31 2.14 -1.56
N VAL A 8 -11.97 3.11 -0.93
CA VAL A 8 -11.61 4.51 -1.15
C VAL A 8 -10.25 4.82 -0.52
N ARG A 9 -10.05 4.37 0.73
CA ARG A 9 -8.78 4.59 1.40
C ARG A 9 -7.63 3.93 0.64
N GLU A 10 -7.85 2.71 0.17
CA GLU A 10 -6.84 2.02 -0.61
C GLU A 10 -6.55 2.75 -1.91
N ALA A 11 -7.59 3.30 -2.55
CA ALA A 11 -7.37 4.05 -3.79
C ALA A 11 -6.51 5.28 -3.54
N PHE A 12 -6.77 5.98 -2.44
CA PHE A 12 -5.92 7.11 -2.07
C PHE A 12 -4.47 6.67 -1.90
N ALA A 13 -4.27 5.58 -1.14
CA ALA A 13 -2.91 5.10 -0.92
C ALA A 13 -2.24 4.67 -2.23
N LEU A 14 -3.01 4.14 -3.17
CA LEU A 14 -2.43 3.60 -4.40
C LEU A 14 -2.10 4.69 -5.41
N PHE A 15 -2.84 5.81 -5.41
CA PHE A 15 -2.58 6.85 -6.39
C PHE A 15 -1.82 8.05 -5.82
N ASP A 16 -1.41 7.99 -4.55
CA ASP A 16 -0.48 8.96 -3.97
C ASP A 16 0.93 8.51 -4.35
N THR A 17 1.29 8.79 -5.60
CA THR A 17 2.52 8.22 -6.17
C THR A 17 3.78 8.84 -5.57
N ASP A 18 3.71 10.08 -5.07
CA ASP A 18 4.84 10.64 -4.35
C ASP A 18 4.88 10.23 -2.89
N GLY A 19 3.82 9.61 -2.38
CA GLY A 19 3.76 9.25 -0.97
C GLY A 19 3.80 10.44 -0.04
N ASP A 20 3.29 11.59 -0.48
CA ASP A 20 3.29 12.80 0.32
C ASP A 20 1.94 13.07 0.98
N GLY A 21 1.05 12.08 1.01
CA GLY A 21 -0.27 12.29 1.56
C GLY A 21 -1.16 13.17 0.73
N GLU A 22 -0.82 13.39 -0.53
CA GLU A 22 -1.57 14.26 -1.44
C GLU A 22 -1.75 13.56 -2.77
N ILE A 23 -2.96 13.66 -3.32
CA ILE A 23 -3.24 13.23 -4.69
C ILE A 23 -3.55 14.48 -5.50
N SER A 24 -2.95 14.56 -6.69
CA SER A 24 -2.97 15.80 -7.46
C SER A 24 -3.01 15.49 -8.94
N GLY A 25 -3.67 16.38 -9.69
CA GLY A 25 -3.66 16.30 -11.13
C GLY A 25 -4.38 15.06 -11.65
N ARG A 26 -3.81 14.49 -12.71
CA ARG A 26 -4.41 13.32 -13.35
C ARG A 26 -4.68 12.21 -12.35
N ASP A 27 -3.69 11.93 -11.49
CA ASP A 27 -3.86 10.90 -10.46
C ASP A 27 -5.18 11.06 -9.71
N LEU A 28 -5.52 12.31 -9.33
CA LEU A 28 -6.79 12.56 -8.67
C LEU A 28 -7.93 11.92 -9.44
N VAL A 29 -8.14 12.36 -10.68
CA VAL A 29 -9.20 11.77 -11.49
C VAL A 29 -9.05 10.27 -11.54
N LEU A 30 -7.82 9.79 -11.76
CA LEU A 30 -7.58 8.35 -11.81
C LEU A 30 -8.07 7.67 -10.54
N ALA A 31 -7.64 8.20 -9.38
CA ALA A 31 -8.12 7.65 -8.12
C ALA A 31 -9.63 7.53 -8.12
N ILE A 32 -10.32 8.63 -8.47
CA ILE A 32 -11.78 8.61 -8.50
C ILE A 32 -12.26 7.52 -9.44
N ARG A 33 -11.74 7.51 -10.68
CA ARG A 33 -12.21 6.52 -11.64
C ARG A 33 -11.86 5.11 -11.19
N SER A 34 -10.79 4.95 -10.40
CA SER A 34 -10.42 3.61 -9.96
C SER A 34 -11.47 3.00 -9.05
N CYS A 35 -12.32 3.82 -8.43
CA CYS A 35 -13.41 3.31 -7.59
C CYS A 35 -14.70 3.12 -8.36
N GLY A 36 -14.65 3.23 -9.69
CA GLY A 36 -15.83 3.04 -10.52
C GLY A 36 -16.69 4.27 -10.70
N VAL A 37 -16.18 5.47 -10.40
CA VAL A 37 -16.94 6.70 -10.53
C VAL A 37 -16.45 7.45 -11.77
N SER A 38 -17.39 7.81 -12.64
CA SER A 38 -17.10 8.66 -13.79
C SER A 38 -17.60 10.07 -13.50
N PRO A 39 -16.75 10.95 -12.96
CA PRO A 39 -17.20 12.31 -12.66
C PRO A 39 -17.59 13.07 -13.92
N THR A 40 -18.57 13.95 -13.77
CA THR A 40 -18.98 14.80 -14.87
C THR A 40 -17.88 15.81 -15.20
N PRO A 41 -17.87 16.34 -16.42
CA PRO A 41 -16.89 17.38 -16.75
C PRO A 41 -16.98 18.60 -15.86
N ASP A 42 -18.18 18.94 -15.38
CA ASP A 42 -18.31 20.01 -14.40
C ASP A 42 -17.64 19.63 -13.08
N GLU A 43 -17.87 18.41 -12.62
CA GLU A 43 -17.21 17.94 -11.40
C GLU A 43 -15.70 17.90 -11.58
N ILE A 44 -15.22 17.52 -12.75
CA ILE A 44 -13.79 17.50 -13.01
C ILE A 44 -13.22 18.91 -12.99
N LYS A 45 -13.91 19.86 -13.62
CA LYS A 45 -13.45 21.24 -13.59
C LYS A 45 -13.45 21.80 -12.18
N ALA A 46 -14.38 21.37 -11.34
CA ALA A 46 -14.49 21.89 -9.98
C ALA A 46 -13.50 21.27 -9.01
N LEU A 47 -12.80 20.21 -9.40
CA LEU A 47 -11.85 19.57 -8.50
C LEU A 47 -10.75 20.55 -8.10
N PRO A 48 -10.29 20.49 -6.85
CA PRO A 48 -9.23 21.42 -6.42
C PRO A 48 -7.87 21.04 -7.00
N MET A 49 -6.84 21.84 -6.71
CA MET A 49 -5.51 21.55 -7.20
C MET A 49 -5.01 20.20 -6.70
N SER A 50 -5.20 19.93 -5.40
CA SER A 50 -4.80 18.67 -4.81
C SER A 50 -5.70 18.36 -3.62
N MET A 51 -5.66 17.11 -3.19
CA MET A 51 -6.47 16.63 -2.07
C MET A 51 -5.61 15.82 -1.11
N ALA A 52 -5.69 16.14 0.18
CA ALA A 52 -5.23 15.24 1.21
C ALA A 52 -6.35 14.23 1.50
N TRP A 53 -6.07 13.27 2.38
CA TRP A 53 -7.05 12.21 2.67
C TRP A 53 -8.40 12.73 3.14
N PRO A 54 -8.50 13.68 4.08
CA PRO A 54 -9.83 14.16 4.46
C PRO A 54 -10.64 14.69 3.28
N ASP A 55 -10.00 15.49 2.41
CA ASP A 55 -10.66 16.01 1.23
C ASP A 55 -11.17 14.88 0.34
N PHE A 56 -10.32 13.89 0.07
CA PHE A 56 -10.68 12.82 -0.86
C PHE A 56 -11.80 11.95 -0.28
N GLU A 57 -11.71 11.62 1.01
CA GLU A 57 -12.75 10.80 1.62
C GLU A 57 -14.08 11.55 1.65
N ALA A 58 -14.05 12.86 1.90
CA ALA A 58 -15.29 13.63 1.88
C ALA A 58 -15.89 13.71 0.48
N TRP A 59 -15.04 14.00 -0.52
CA TRP A 59 -15.53 14.06 -1.90
C TRP A 59 -16.17 12.74 -2.31
N MET A 60 -15.47 11.63 -2.05
CA MET A 60 -15.98 10.33 -2.47
C MET A 60 -17.22 9.92 -1.67
N SER A 61 -17.27 10.26 -0.39
CA SER A 61 -18.45 9.93 0.41
C SER A 61 -19.68 10.68 -0.08
N LYS A 62 -19.52 11.98 -0.40
CA LYS A 62 -20.65 12.74 -0.92
C LYS A 62 -21.03 12.30 -2.33
N LYS A 63 -20.06 11.88 -3.12
CA LYS A 63 -20.36 11.40 -4.48
C LYS A 63 -21.13 10.08 -4.44
N LEU A 64 -20.59 9.10 -3.70
CA LEU A 64 -21.23 7.79 -3.63
C LEU A 64 -22.62 7.83 -3.00
N ALA A 65 -22.92 8.88 -2.23
CA ALA A 65 -24.25 9.03 -1.66
C ALA A 65 -25.32 9.26 -2.72
N SER A 66 -24.92 9.66 -3.93
CA SER A 66 -25.85 9.88 -5.01
C SER A 66 -25.49 9.12 -6.29
N TYR A 67 -24.46 8.27 -6.24
CA TYR A 67 -23.92 7.62 -7.42
C TYR A 67 -23.54 6.19 -7.04
N ASN A 68 -24.22 5.21 -7.64
CA ASN A 68 -23.91 3.81 -7.36
C ASN A 68 -23.01 3.28 -8.45
N PRO A 69 -21.73 2.97 -8.15
CA PRO A 69 -20.82 2.50 -9.21
C PRO A 69 -21.30 1.27 -9.95
N GLU A 70 -21.81 0.27 -9.24
CA GLU A 70 -22.24 -0.97 -9.89
C GLU A 70 -23.29 -0.70 -10.95
N GLU A 71 -24.33 0.04 -10.58
CA GLU A 71 -25.43 0.28 -11.51
C GLU A 71 -25.01 1.17 -12.66
N GLU A 72 -24.18 2.19 -12.39
CA GLU A 72 -23.71 3.06 -13.46
C GLU A 72 -22.82 2.32 -14.45
N LEU A 73 -21.99 1.40 -13.95
CA LEU A 73 -21.11 0.63 -14.83
C LEU A 73 -21.91 -0.36 -15.68
N ILE A 74 -22.86 -1.07 -15.05
CA ILE A 74 -23.71 -1.97 -15.82
C ILE A 74 -24.53 -1.18 -16.83
N LYS A 75 -24.93 0.05 -16.48
CA LYS A 75 -25.67 0.91 -17.38
C LYS A 75 -24.82 1.34 -18.56
N SER A 76 -23.53 1.62 -18.32
CA SER A 76 -22.64 1.97 -19.42
C SER A 76 -22.40 0.78 -20.34
N PHE A 77 -22.24 -0.41 -19.76
CA PHE A 77 -22.06 -1.61 -20.58
C PHE A 77 -23.30 -1.91 -21.42
N LYS A 78 -24.48 -1.70 -20.85
CA LYS A 78 -25.71 -2.06 -21.55
C LYS A 78 -25.94 -1.24 -22.82
N ALA A 79 -25.28 -0.07 -22.93
CA ALA A 79 -25.38 0.71 -24.15
C ALA A 79 -24.79 -0.02 -25.35
N PHE A 80 -23.86 -0.95 -25.12
CA PHE A 80 -23.26 -1.74 -26.18
C PHE A 80 -23.77 -3.18 -26.17
N ASP A 81 -24.88 -3.43 -25.49
CA ASP A 81 -25.53 -4.74 -25.51
C ASP A 81 -26.47 -4.76 -26.70
N ARG A 82 -25.89 -5.05 -27.88
CA ARG A 82 -26.69 -5.11 -29.10
C ARG A 82 -27.74 -6.21 -29.03
N SER A 83 -27.30 -7.43 -28.73
CA SER A 83 -28.20 -8.57 -28.61
C SER A 83 -29.17 -8.43 -27.45
N ASN A 84 -28.93 -7.49 -26.54
CA ASN A 84 -29.77 -7.29 -25.35
C ASN A 84 -29.93 -8.60 -24.57
N ASP A 85 -28.80 -9.24 -24.29
CA ASP A 85 -28.76 -10.51 -23.59
C ASP A 85 -27.86 -10.47 -22.36
N GLY A 86 -27.58 -9.28 -21.84
CA GLY A 86 -26.63 -9.14 -20.75
C GLY A 86 -25.20 -9.41 -21.15
N THR A 87 -24.85 -9.24 -22.42
CA THR A 87 -23.51 -9.54 -22.91
C THR A 87 -23.01 -8.43 -23.81
N VAL A 88 -21.69 -8.28 -23.87
CA VAL A 88 -21.03 -7.42 -24.83
C VAL A 88 -19.88 -8.19 -25.47
N SER A 89 -19.55 -7.81 -26.70
CA SER A 89 -18.51 -8.51 -27.46
C SER A 89 -17.14 -8.27 -26.84
N ALA A 90 -16.38 -9.35 -26.67
CA ALA A 90 -15.07 -9.24 -26.03
C ALA A 90 -14.06 -8.54 -26.93
N ASP A 91 -14.06 -8.84 -28.23
CA ASP A 91 -13.07 -8.24 -29.11
C ASP A 91 -13.38 -6.76 -29.37
N GLU A 92 -14.66 -6.37 -29.35
CA GLU A 92 -15.00 -4.96 -29.42
C GLU A 92 -14.43 -4.19 -28.24
N LEU A 93 -14.63 -4.71 -27.02
CA LEU A 93 -14.07 -4.08 -25.84
C LEU A 93 -12.55 -4.03 -25.90
N SER A 94 -11.92 -5.13 -26.35
CA SER A 94 -10.47 -5.15 -26.46
C SER A 94 -9.97 -4.07 -27.40
N GLN A 95 -10.57 -3.98 -28.59
CA GLN A 95 -10.14 -2.98 -29.57
C GLN A 95 -10.33 -1.56 -29.06
N VAL A 96 -11.45 -1.29 -28.38
CA VAL A 96 -11.66 0.09 -27.92
C VAL A 96 -10.74 0.41 -26.75
N MET A 97 -10.46 -0.57 -25.89
CA MET A 97 -9.48 -0.36 -24.83
C MET A 97 -8.11 -0.03 -25.41
N LEU A 98 -7.73 -0.72 -26.49
CA LEU A 98 -6.42 -0.47 -27.09
C LEU A 98 -6.39 0.83 -27.87
N ALA A 99 -7.52 1.25 -28.45
CA ALA A 99 -7.54 2.45 -29.27
C ALA A 99 -7.63 3.72 -28.43
N LEU A 100 -8.42 3.71 -27.36
CA LEU A 100 -8.66 4.91 -26.58
C LEU A 100 -7.89 4.96 -25.27
N GLY A 101 -7.39 3.82 -24.78
CA GLY A 101 -6.73 3.80 -23.50
C GLY A 101 -5.35 4.45 -23.54
N GLU A 102 -4.89 4.86 -22.35
CA GLU A 102 -3.61 5.54 -22.22
C GLU A 102 -2.69 4.94 -21.15
N LEU A 103 -3.21 4.10 -20.25
CA LEU A 103 -2.43 3.59 -19.14
C LEU A 103 -2.08 2.12 -19.25
N LEU A 104 -2.88 1.33 -19.95
CA LEU A 104 -2.76 -0.13 -19.91
C LEU A 104 -1.93 -0.65 -21.08
N SER A 105 -1.05 -1.61 -20.77
CA SER A 105 -0.35 -2.34 -21.81
C SER A 105 -1.30 -3.34 -22.46
N ASP A 106 -0.83 -3.96 -23.54
CA ASP A 106 -1.68 -4.91 -24.27
C ASP A 106 -1.90 -6.19 -23.46
N GLU A 107 -0.88 -6.63 -22.73
CA GLU A 107 -1.02 -7.84 -21.92
C GLU A 107 -2.05 -7.65 -20.81
N GLU A 108 -2.07 -6.47 -20.20
CA GLU A 108 -3.06 -6.19 -19.16
C GLU A 108 -4.48 -6.24 -19.72
N VAL A 109 -4.68 -5.65 -20.90
CA VAL A 109 -5.96 -5.72 -21.60
C VAL A 109 -6.36 -7.18 -21.82
N LYS A 110 -5.46 -7.96 -22.43
CA LYS A 110 -5.74 -9.36 -22.72
C LYS A 110 -6.10 -10.14 -21.45
N ALA A 111 -5.40 -9.86 -20.35
CA ALA A 111 -5.71 -10.53 -19.08
C ALA A 111 -7.13 -10.19 -18.63
N MET A 112 -7.49 -8.91 -18.69
CA MET A 112 -8.85 -8.50 -18.34
C MET A 112 -9.88 -9.25 -19.18
N ILE A 113 -9.63 -9.37 -20.48
CA ILE A 113 -10.62 -9.99 -21.36
C ILE A 113 -10.77 -11.48 -21.04
N LYS A 114 -9.66 -12.16 -20.71
CA LYS A 114 -9.82 -13.55 -20.30
C LYS A 114 -10.56 -13.65 -18.97
N GLU A 115 -10.34 -12.69 -18.06
CA GLU A 115 -11.11 -12.65 -16.82
C GLU A 115 -12.61 -12.62 -17.12
N ALA A 116 -13.06 -11.61 -17.87
CA ALA A 116 -14.48 -11.41 -18.11
C ALA A 116 -15.09 -12.52 -18.95
N ASP A 117 -14.29 -13.22 -19.76
CA ASP A 117 -14.76 -14.31 -20.61
C ASP A 117 -13.92 -15.55 -20.29
N PRO A 118 -14.20 -16.21 -19.17
CA PRO A 118 -13.36 -17.36 -18.78
C PRO A 118 -13.52 -18.56 -19.70
N ASN A 119 -14.71 -18.79 -20.24
CA ASN A 119 -14.94 -19.88 -21.17
C ASN A 119 -14.65 -19.49 -22.61
N GLY A 120 -14.16 -18.30 -22.86
CA GLY A 120 -13.91 -17.86 -24.22
C GLY A 120 -15.14 -17.78 -25.09
N THR A 121 -16.30 -17.43 -24.50
CA THR A 121 -17.54 -17.36 -25.27
C THR A 121 -17.56 -16.22 -26.27
N GLY A 122 -16.51 -15.39 -26.35
CA GLY A 122 -16.55 -14.18 -27.15
C GLY A 122 -17.49 -13.12 -26.64
N LYS A 123 -18.29 -13.44 -25.62
CA LYS A 123 -19.20 -12.53 -24.96
C LYS A 123 -18.68 -12.22 -23.56
N ILE A 124 -19.26 -11.18 -22.95
CA ILE A 124 -18.93 -10.79 -21.58
C ILE A 124 -20.22 -10.50 -20.86
N GLN A 125 -20.48 -11.21 -19.76
CA GLN A 125 -21.71 -11.02 -19.00
C GLN A 125 -21.79 -9.63 -18.37
N TYR A 126 -20.71 -8.84 -18.42
CA TYR A 126 -20.51 -7.53 -17.80
C TYR A 126 -21.20 -7.32 -16.44
N ALA A 127 -22.45 -7.76 -16.27
CA ALA A 127 -23.05 -7.69 -14.94
C ALA A 127 -22.25 -8.54 -13.95
N ASN A 128 -22.11 -9.83 -14.25
CA ASN A 128 -21.25 -10.70 -13.46
C ASN A 128 -19.82 -10.14 -13.39
N PHE A 129 -19.35 -9.55 -14.48
CA PHE A 129 -18.00 -9.03 -14.54
C PHE A 129 -17.84 -7.80 -13.63
N VAL A 130 -18.77 -6.84 -13.73
CA VAL A 130 -18.71 -5.66 -12.88
C VAL A 130 -18.84 -6.05 -11.41
N LYS A 131 -19.71 -7.02 -11.11
CA LYS A 131 -19.84 -7.49 -9.73
C LYS A 131 -18.52 -8.08 -9.23
N MET A 132 -18.04 -9.15 -9.88
CA MET A 132 -16.79 -9.78 -9.50
C MET A 132 -15.57 -8.87 -9.73
N LEU A 133 -15.77 -7.63 -10.16
CA LEU A 133 -14.73 -6.62 -10.17
C LEU A 133 -14.80 -5.65 -8.99
N LEU A 134 -16.00 -5.26 -8.57
CA LEU A 134 -16.15 -4.19 -7.59
C LEU A 134 -16.10 -4.66 -6.13
N LYS A 135 -15.79 -5.93 -5.89
CA LYS A 135 -15.74 -6.45 -4.52
C LYS A 135 -14.75 -5.68 -3.64
N GLU B 14 27.52 -10.47 28.43
CA GLU B 14 26.53 -10.17 27.40
C GLU B 14 25.28 -11.03 27.57
N ALA B 15 25.48 -12.29 27.97
CA ALA B 15 24.36 -13.19 28.21
C ALA B 15 23.76 -13.01 29.59
N ASP B 16 24.59 -12.70 30.59
CA ASP B 16 24.08 -12.49 31.94
C ASP B 16 23.19 -11.25 32.01
N GLU B 17 23.56 -10.18 31.30
CA GLU B 17 22.71 -9.00 31.25
C GLU B 17 21.42 -9.30 30.51
N MET B 18 21.45 -10.14 29.48
CA MET B 18 20.24 -10.56 28.79
C MET B 18 19.31 -11.31 29.76
N TYR B 19 19.85 -12.27 30.51
CA TYR B 19 19.06 -13.00 31.48
C TYR B 19 18.46 -12.07 32.52
N ALA B 20 19.27 -11.14 33.04
CA ALA B 20 18.80 -10.25 34.10
C ALA B 20 17.72 -9.31 33.58
N ARG B 21 17.89 -8.78 32.37
CA ARG B 21 16.89 -7.88 31.80
C ARG B 21 15.58 -8.61 31.53
N PHE B 22 15.65 -9.85 31.04
CA PHE B 22 14.44 -10.65 30.89
C PHE B 22 13.75 -10.85 32.23
N ASN B 23 14.51 -11.25 33.25
CA ASN B 23 13.90 -11.60 34.53
C ASN B 23 13.37 -10.39 35.29
N ALA B 24 13.91 -9.20 35.03
CA ALA B 24 13.37 -8.00 35.67
C ALA B 24 11.97 -7.69 35.17
N ARG B 25 11.65 -8.09 33.95
CA ARG B 25 10.33 -7.87 33.37
C ARG B 25 9.40 -9.07 33.49
N ALA B 26 9.88 -10.18 34.03
CA ALA B 26 9.15 -11.43 34.00
C ALA B 26 8.20 -11.58 35.18
N SER B 27 7.11 -12.31 34.94
CA SER B 27 6.15 -12.66 35.96
C SER B 27 5.98 -14.18 35.94
N GLY B 28 6.33 -14.84 37.04
CA GLY B 28 6.31 -16.30 37.05
C GLY B 28 7.23 -16.93 36.03
N GLY B 29 8.32 -16.25 35.66
CA GLY B 29 9.27 -16.78 34.72
C GLY B 29 9.00 -16.45 33.27
N LYS B 30 7.94 -15.71 32.96
CA LYS B 30 7.54 -15.44 31.59
C LYS B 30 7.34 -13.95 31.36
N VAL B 31 7.60 -13.52 30.13
CA VAL B 31 7.35 -12.13 29.73
C VAL B 31 6.38 -12.13 28.56
N SER B 32 5.57 -11.06 28.49
CA SER B 32 4.74 -10.84 27.32
C SER B 32 5.60 -10.77 26.06
N THR B 33 5.02 -11.21 24.94
CA THR B 33 5.72 -11.03 23.66
C THR B 33 5.90 -9.56 23.34
N GLY B 34 5.00 -8.71 23.84
CA GLY B 34 5.21 -7.27 23.77
C GLY B 34 6.51 -6.84 24.39
N ASP B 35 6.79 -7.32 25.61
CA ASP B 35 8.07 -7.02 26.24
C ASP B 35 9.23 -7.72 25.55
N ALA B 36 8.97 -8.89 24.95
CA ALA B 36 10.00 -9.59 24.21
C ALA B 36 10.48 -8.78 23.01
N MET B 37 9.58 -8.03 22.37
CA MET B 37 9.99 -7.12 21.31
C MET B 37 11.02 -6.10 21.82
N ILE B 38 10.73 -5.49 22.97
CA ILE B 38 11.63 -4.48 23.53
C ILE B 38 12.96 -5.10 23.92
N LEU B 39 12.93 -6.28 24.53
CA LEU B 39 14.17 -6.95 24.90
C LEU B 39 15.01 -7.30 23.68
N ALA B 40 14.37 -7.78 22.61
CA ALA B 40 15.10 -8.09 21.39
C ALA B 40 15.72 -6.83 20.78
N ARG B 41 14.98 -5.72 20.80
CA ARG B 41 15.53 -4.47 20.27
C ARG B 41 16.73 -4.00 21.09
N GLN B 42 16.63 -4.08 22.42
CA GLN B 42 17.78 -3.72 23.26
C GLN B 42 18.98 -4.60 22.96
N LEU B 43 18.75 -5.84 22.55
CA LEU B 43 19.82 -6.76 22.18
C LEU B 43 20.44 -6.43 20.83
N GLY B 44 19.85 -5.50 20.09
CA GLY B 44 20.37 -5.14 18.78
C GLY B 44 19.72 -5.85 17.63
N LEU B 45 18.53 -6.42 17.82
CA LEU B 45 17.79 -7.06 16.75
C LEU B 45 16.60 -6.18 16.34
N ALA B 46 16.08 -6.43 15.14
CA ALA B 46 14.98 -5.63 14.59
C ALA B 46 13.84 -6.56 14.19
N PRO B 47 13.13 -7.12 15.16
CA PRO B 47 11.96 -7.93 14.81
C PRO B 47 10.80 -7.04 14.38
N SER B 48 9.96 -7.60 13.51
CA SER B 48 8.74 -6.94 13.07
C SER B 48 7.56 -7.46 13.86
N TYR B 49 6.43 -6.77 13.71
CA TYR B 49 5.20 -7.26 14.32
C TYR B 49 4.71 -8.52 13.63
N ALA B 50 5.07 -8.70 12.36
CA ALA B 50 4.80 -9.96 11.68
C ALA B 50 5.55 -11.11 12.35
N ASP B 51 6.81 -10.88 12.75
CA ASP B 51 7.54 -11.86 13.54
C ASP B 51 6.80 -12.18 14.83
N LYS B 52 6.28 -11.14 15.51
CA LYS B 52 5.59 -11.34 16.77
C LYS B 52 4.37 -12.24 16.59
N GLN B 53 3.54 -11.94 15.58
CA GLN B 53 2.35 -12.77 15.34
C GLN B 53 2.74 -14.19 14.95
N ALA B 54 3.74 -14.34 14.08
CA ALA B 54 4.17 -15.67 13.67
C ALA B 54 4.62 -16.51 14.86
N PHE B 55 5.40 -15.91 15.76
CA PHE B 55 5.88 -16.66 16.92
C PHE B 55 4.75 -16.98 17.89
N GLU B 56 3.81 -16.03 18.06
CA GLU B 56 2.66 -16.29 18.92
C GLU B 56 1.81 -17.44 18.40
N GLU B 57 1.77 -17.62 17.07
CA GLU B 57 0.91 -18.65 16.51
C GLU B 57 1.22 -20.03 17.09
N LYS B 58 2.50 -20.34 17.30
CA LYS B 58 2.89 -21.62 17.88
C LYS B 58 3.16 -21.55 19.38
N SER B 59 3.70 -20.45 19.88
CA SER B 59 4.18 -20.40 21.25
C SER B 59 3.32 -19.54 22.17
N GLY B 60 2.24 -18.95 21.68
CA GLY B 60 1.46 -18.06 22.51
C GLY B 60 2.18 -16.74 22.73
N ASP B 61 1.60 -15.91 23.60
CA ASP B 61 2.11 -14.56 23.86
C ASP B 61 2.71 -14.41 25.26
N ASN B 62 3.12 -15.51 25.89
CA ASN B 62 3.83 -15.48 27.17
C ASN B 62 4.99 -16.46 27.07
N LEU B 63 6.21 -15.94 27.17
CA LEU B 63 7.42 -16.71 26.85
C LEU B 63 8.30 -16.85 28.09
N ASP B 64 8.70 -18.09 28.39
CA ASP B 64 9.78 -18.30 29.34
C ASP B 64 11.11 -18.01 28.64
N TYR B 65 12.22 -18.20 29.36
CA TYR B 65 13.50 -17.73 28.84
C TYR B 65 13.94 -18.52 27.61
N ALA B 66 13.76 -19.85 27.63
CA ALA B 66 14.14 -20.66 26.49
C ALA B 66 13.36 -20.27 25.24
N SER B 67 12.05 -20.08 25.37
CA SER B 67 11.23 -19.63 24.25
C SER B 67 11.64 -18.24 23.78
N PHE B 68 12.03 -17.36 24.70
CA PHE B 68 12.51 -16.05 24.29
C PHE B 68 13.81 -16.16 23.52
N GLN B 69 14.70 -17.06 23.93
CA GLN B 69 15.92 -17.29 23.19
C GLN B 69 15.62 -17.77 21.77
N LYS B 70 14.63 -18.65 21.64
CA LYS B 70 14.23 -19.10 20.31
C LYS B 70 13.66 -17.95 19.48
N PHE B 71 12.84 -17.10 20.10
CA PHE B 71 12.31 -15.94 19.39
C PHE B 71 13.43 -15.04 18.90
N VAL B 72 14.42 -14.78 19.77
CA VAL B 72 15.58 -14.00 19.39
C VAL B 72 16.32 -14.65 18.22
N GLY B 73 16.47 -15.98 18.26
CA GLY B 73 17.25 -16.66 17.24
C GLY B 73 16.62 -16.60 15.86
N THR B 74 15.30 -16.46 15.78
CA THR B 74 14.60 -16.43 14.50
C THR B 74 14.23 -15.02 14.06
N SER B 75 14.80 -13.99 14.69
CA SER B 75 14.48 -12.60 14.36
C SER B 75 15.71 -11.84 13.88
N THR B 76 16.74 -12.54 13.41
CA THR B 76 17.97 -11.88 12.98
C THR B 76 17.87 -11.29 11.58
N HIS B 77 16.90 -11.74 10.78
CA HIS B 77 16.66 -11.24 9.43
C HIS B 77 17.94 -11.10 8.59
N PRO B 78 18.60 -12.21 8.26
CA PRO B 78 19.80 -12.13 7.42
C PRO B 78 19.54 -11.62 6.01
N GLU B 79 18.28 -11.51 5.59
CA GLU B 79 17.98 -10.98 4.26
C GLU B 79 18.16 -9.47 4.17
N ASP B 80 18.27 -8.78 5.30
CA ASP B 80 18.38 -7.33 5.29
C ASP B 80 19.63 -6.87 4.55
N ASN B 81 19.46 -5.86 3.70
CA ASN B 81 20.56 -5.30 2.93
C ASN B 81 20.15 -3.93 2.43
N ILE B 82 21.16 -3.11 2.13
CA ILE B 82 20.92 -1.68 1.87
C ILE B 82 20.09 -1.48 0.61
N GLU B 83 20.35 -2.27 -0.44
CA GLU B 83 19.76 -2.00 -1.74
C GLU B 83 18.25 -2.19 -1.73
N ASP B 84 17.75 -3.22 -1.04
CA ASP B 84 16.32 -3.48 -1.04
C ASP B 84 15.56 -2.40 -0.28
N LEU B 85 16.07 -1.97 0.88
CA LEU B 85 15.47 -0.84 1.59
C LEU B 85 15.47 0.41 0.74
N VAL B 86 16.61 0.68 0.08
CA VAL B 86 16.71 1.88 -0.74
C VAL B 86 15.70 1.85 -1.87
N GLU B 87 15.50 0.68 -2.50
CA GLU B 87 14.53 0.60 -3.59
C GLU B 87 13.11 0.76 -3.08
N ALA B 88 12.82 0.18 -1.91
CA ALA B 88 11.51 0.39 -1.28
C ALA B 88 11.21 1.88 -1.14
N PHE B 89 12.17 2.66 -0.64
CA PHE B 89 11.94 4.09 -0.51
C PHE B 89 11.90 4.79 -1.86
N ALA B 90 12.81 4.43 -2.78
CA ALA B 90 12.87 5.06 -4.08
C ALA B 90 11.60 4.85 -4.90
N TYR B 91 10.78 3.87 -4.51
CA TYR B 91 9.48 3.72 -5.16
C TYR B 91 8.65 5.00 -5.11
N PHE B 92 8.83 5.81 -4.08
CA PHE B 92 8.08 7.06 -3.93
C PHE B 92 8.82 8.27 -4.47
N ASP B 93 10.01 8.08 -5.04
CA ASP B 93 10.85 9.16 -5.56
C ASP B 93 10.75 9.14 -7.08
N VAL B 94 9.82 9.95 -7.61
CA VAL B 94 9.52 9.88 -9.05
C VAL B 94 10.72 10.34 -9.87
N SER B 95 11.38 11.43 -9.47
CA SER B 95 12.54 11.90 -10.20
C SER B 95 13.71 10.93 -10.10
N LYS B 96 13.68 10.03 -9.12
CA LYS B 96 14.75 9.06 -8.88
C LYS B 96 16.08 9.75 -8.64
N HIS B 97 16.05 11.00 -8.16
CA HIS B 97 17.28 11.71 -7.83
C HIS B 97 17.78 11.39 -6.43
N GLY B 98 16.99 10.68 -5.62
CA GLY B 98 17.47 10.14 -4.37
C GLY B 98 17.07 10.87 -3.11
N TYR B 99 16.07 11.74 -3.17
CA TYR B 99 15.68 12.53 -2.01
C TYR B 99 14.18 12.43 -1.77
N LEU B 100 13.81 12.52 -0.48
CA LEU B 100 12.42 12.59 -0.06
C LEU B 100 12.26 13.69 0.96
N THR B 101 11.16 14.43 0.89
CA THR B 101 10.92 15.46 1.89
C THR B 101 10.52 14.83 3.22
N ARG B 102 10.55 15.64 4.28
N ARG B 102 10.54 15.65 4.28
CA ARG B 102 10.07 15.14 5.58
CA ARG B 102 10.08 15.17 5.58
C ARG B 102 8.60 14.81 5.53
C ARG B 102 8.60 14.82 5.53
N LYS B 103 7.82 15.55 4.74
CA LYS B 103 6.42 15.23 4.53
C LYS B 103 6.28 13.83 3.93
N GLN B 104 7.10 13.53 2.91
CA GLN B 104 7.07 12.22 2.28
C GLN B 104 7.49 11.12 3.25
N MET B 105 8.61 11.33 3.95
CA MET B 105 9.06 10.33 4.92
C MET B 105 7.98 10.04 5.95
N GLY B 106 7.39 11.10 6.50
CA GLY B 106 6.35 10.92 7.51
C GLY B 106 5.16 10.14 6.99
N ASN B 107 4.64 10.54 5.81
CA ASN B 107 3.45 9.87 5.30
C ASN B 107 3.74 8.42 4.93
N ILE B 108 4.86 8.18 4.25
CA ILE B 108 5.26 6.81 3.91
C ILE B 108 5.33 5.95 5.16
N LEU B 109 6.11 6.40 6.15
CA LEU B 109 6.35 5.57 7.33
C LEU B 109 5.12 5.43 8.22
N MET B 110 4.18 6.38 8.17
CA MET B 110 2.97 6.28 8.97
C MET B 110 1.78 5.73 8.19
N THR B 111 1.98 5.33 6.94
CA THR B 111 0.90 4.79 6.13
C THR B 111 1.11 3.33 5.72
N TYR B 112 2.32 2.98 5.29
CA TYR B 112 2.56 1.67 4.68
C TYR B 112 3.26 0.72 5.64
N GLY B 113 3.24 -0.56 5.28
CA GLY B 113 3.96 -1.58 6.04
C GLY B 113 3.37 -1.75 7.42
N GLU B 114 4.21 -1.55 8.44
CA GLU B 114 3.80 -1.53 9.83
C GLU B 114 3.88 -0.09 10.32
N PRO B 115 2.82 0.69 10.18
CA PRO B 115 2.92 2.15 10.30
C PRO B 115 3.46 2.60 11.66
N LEU B 116 4.35 3.58 11.63
CA LEU B 116 4.79 4.23 12.84
C LEU B 116 3.67 5.08 13.42
N THR B 117 3.63 5.17 14.75
CA THR B 117 2.80 6.17 15.38
C THR B 117 3.41 7.56 15.18
N THR B 118 2.61 8.59 15.43
CA THR B 118 3.13 9.95 15.33
CA THR B 118 3.13 9.95 15.32
CA THR B 118 3.12 9.95 15.33
C THR B 118 4.27 10.19 16.30
N GLU B 119 4.21 9.56 17.49
CA GLU B 119 5.27 9.73 18.47
C GLU B 119 6.55 9.07 18.00
N GLU B 120 6.46 7.84 17.48
CA GLU B 120 7.62 7.15 16.93
C GLU B 120 8.27 7.97 15.82
N PHE B 121 7.47 8.44 14.87
CA PHE B 121 8.04 9.19 13.76
C PHE B 121 8.63 10.51 14.21
N ASN B 122 7.99 11.18 15.18
CA ASN B 122 8.53 12.45 15.65
C ASN B 122 9.87 12.26 16.35
N ALA B 123 9.99 11.19 17.16
CA ALA B 123 11.29 10.90 17.77
C ALA B 123 12.35 10.61 16.72
N LEU B 124 12.01 9.76 15.74
CA LEU B 124 12.93 9.47 14.65
C LEU B 124 13.37 10.74 13.93
N ALA B 125 12.41 11.60 13.61
CA ALA B 125 12.71 12.82 12.86
C ALA B 125 13.57 13.77 13.68
N ALA B 126 13.30 13.85 14.99
CA ALA B 126 14.10 14.72 15.84
C ALA B 126 15.55 14.26 15.90
N GLU B 127 15.79 12.94 15.90
CA GLU B 127 17.17 12.51 16.01
C GLU B 127 17.90 12.44 14.67
N TYR B 128 17.18 12.14 13.57
CA TYR B 128 17.84 11.78 12.33
C TYR B 128 17.61 12.73 11.16
N PHE B 129 16.58 13.56 11.19
CA PHE B 129 16.29 14.47 10.09
C PHE B 129 16.76 15.88 10.46
N THR B 130 17.73 16.39 9.72
CA THR B 130 18.20 17.77 9.90
C THR B 130 17.46 18.70 8.95
N SER B 131 17.74 18.59 7.65
CA SER B 131 17.09 19.43 6.66
C SER B 131 15.75 18.84 6.24
N ASP B 132 15.04 19.56 5.38
CA ASP B 132 13.76 19.09 4.86
C ASP B 132 13.93 18.09 3.72
N GLN B 133 15.14 17.91 3.21
CA GLN B 133 15.43 16.98 2.12
C GLN B 133 16.29 15.84 2.66
N ILE B 134 15.71 14.64 2.74
CA ILE B 134 16.39 13.47 3.30
C ILE B 134 16.95 12.66 2.14
N ASP B 135 18.26 12.43 2.19
CA ASP B 135 18.94 11.40 1.40
C ASP B 135 18.56 10.05 1.99
N TYR B 136 17.60 9.37 1.39
CA TYR B 136 17.10 8.14 2.01
C TYR B 136 18.09 6.98 1.89
N ARG B 137 19.07 7.05 0.99
CA ARG B 137 20.11 6.04 0.98
C ARG B 137 20.95 6.11 2.25
N GLN B 138 21.43 7.32 2.59
CA GLN B 138 22.20 7.49 3.82
C GLN B 138 21.36 7.18 5.04
N PHE B 139 20.07 7.55 5.01
CA PHE B 139 19.19 7.23 6.12
C PHE B 139 19.06 5.72 6.31
N CYS B 140 18.88 4.98 5.20
CA CYS B 140 18.75 3.52 5.31
C CYS B 140 20.05 2.90 5.81
N LYS B 141 21.19 3.40 5.32
CA LYS B 141 22.48 2.94 5.83
C LYS B 141 22.58 3.16 7.34
N ALA B 142 22.18 4.34 7.81
CA ALA B 142 22.20 4.60 9.25
C ALA B 142 21.28 3.64 9.99
N MET B 143 20.11 3.36 9.42
CA MET B 143 19.16 2.47 10.08
C MET B 143 19.72 1.05 10.19
N LEU B 144 20.50 0.62 9.21
CA LEU B 144 21.08 -0.71 9.28
C LEU B 144 22.26 -0.80 10.25
N GLU B 145 22.81 0.34 10.67
CA GLU B 145 23.95 0.31 11.58
C GLU B 145 23.52 -0.17 12.96
N ALA B 146 24.51 -0.65 13.72
CA ALA B 146 24.40 -1.11 15.12
C ALA B 146 23.64 -2.42 15.26
N GLU B 147 23.17 -3.03 14.18
CA GLU B 147 22.50 -4.32 14.29
C GLU B 147 23.49 -5.39 14.77
N ASN B 148 23.07 -6.13 15.80
CA ASN B 148 23.93 -7.18 16.36
C ASN B 148 24.18 -8.26 15.33
N LEU B 149 25.45 -8.50 15.01
CA LEU B 149 25.82 -9.53 14.05
C LEU B 149 26.69 -10.61 14.70
N ALA C 4 -24.78 5.88 -32.00
CA ALA C 4 -23.74 5.09 -31.33
C ALA C 4 -23.09 5.88 -30.20
N SER C 5 -23.14 5.33 -28.99
CA SER C 5 -22.57 6.00 -27.82
C SER C 5 -21.04 5.96 -27.89
N SER C 6 -20.41 6.58 -26.89
CA SER C 6 -18.96 6.64 -26.80
C SER C 6 -18.46 5.62 -25.76
N TRP C 7 -17.41 4.89 -26.14
CA TRP C 7 -16.75 3.96 -25.23
C TRP C 7 -15.83 4.65 -24.23
N GLU C 8 -15.56 5.94 -24.40
CA GLU C 8 -14.51 6.59 -23.62
C GLU C 8 -14.73 6.57 -22.11
N PRO C 9 -15.93 6.83 -21.57
CA PRO C 9 -16.08 6.75 -20.10
C PRO C 9 -15.79 5.35 -19.55
N LEU C 10 -16.36 4.32 -20.17
CA LEU C 10 -16.12 2.94 -19.73
C LEU C 10 -14.65 2.58 -19.82
N VAL C 11 -13.99 2.97 -20.91
CA VAL C 11 -12.56 2.70 -21.06
C VAL C 11 -11.78 3.41 -19.97
N SER C 12 -12.13 4.68 -19.69
CA SER C 12 -11.43 5.42 -18.64
C SER C 12 -11.54 4.72 -17.31
N VAL C 13 -12.74 4.26 -16.96
CA VAL C 13 -12.94 3.59 -15.67
C VAL C 13 -12.12 2.31 -15.60
N LEU C 14 -12.20 1.47 -16.64
CA LEU C 14 -11.48 0.19 -16.61
C LEU C 14 -9.98 0.41 -16.59
N GLU C 15 -9.48 1.37 -17.36
CA GLU C 15 -8.05 1.67 -17.37
C GLU C 15 -7.57 2.13 -16.00
N ALA C 16 -8.31 3.05 -15.37
CA ALA C 16 -7.92 3.53 -14.05
C ALA C 16 -7.94 2.40 -13.03
N TYR C 17 -8.96 1.54 -13.10
CA TYR C 17 -9.07 0.43 -12.15
C TYR C 17 -7.87 -0.51 -12.27
N TYR C 18 -7.52 -0.89 -13.50
CA TYR C 18 -6.42 -1.84 -13.63
C TYR C 18 -5.06 -1.20 -13.44
N ALA C 19 -4.93 0.11 -13.70
CA ALA C 19 -3.73 0.82 -13.27
C ALA C 19 -3.60 0.81 -11.75
N GLY C 20 -4.72 0.92 -11.03
CA GLY C 20 -4.67 0.77 -9.58
C GLY C 20 -4.27 -0.63 -9.15
N ARG C 21 -4.76 -1.66 -9.85
CA ARG C 21 -4.33 -3.03 -9.56
C ARG C 21 -2.83 -3.18 -9.75
N ARG C 22 -2.29 -2.58 -10.82
CA ARG C 22 -0.84 -2.62 -11.05
C ARG C 22 -0.09 -1.92 -9.92
N HIS C 23 -0.60 -0.75 -9.50
CA HIS C 23 -0.01 -0.05 -8.36
C HIS C 23 0.02 -0.94 -7.13
N LYS C 24 -1.07 -1.68 -6.90
CA LYS C 24 -1.13 -2.57 -5.74
C LYS C 24 -0.05 -3.65 -5.82
N LYS C 25 0.11 -4.26 -6.99
CA LYS C 25 1.13 -5.29 -7.15
C LYS C 25 2.53 -4.74 -6.88
N GLN C 26 2.86 -3.61 -7.51
CA GLN C 26 4.21 -3.07 -7.37
C GLN C 26 4.47 -2.58 -5.96
N LEU C 27 3.45 -2.04 -5.28
CA LEU C 27 3.62 -1.62 -3.89
C LEU C 27 3.79 -2.82 -2.98
N LEU C 28 3.11 -3.93 -3.29
CA LEU C 28 3.29 -5.14 -2.50
C LEU C 28 4.70 -5.68 -2.64
N LYS C 29 5.32 -5.50 -3.81
CA LYS C 29 6.72 -5.90 -3.95
C LYS C 29 7.63 -5.17 -2.97
N LYS C 30 7.31 -3.91 -2.64
CA LYS C 30 8.19 -3.07 -1.81
C LYS C 30 7.83 -3.06 -0.33
N THR C 31 6.58 -3.37 0.00
CA THR C 31 6.13 -3.33 1.40
C THR C 31 7.01 -4.11 2.39
N PRO C 32 7.50 -5.33 2.09
CA PRO C 32 8.33 -6.03 3.09
C PRO C 32 9.54 -5.23 3.55
N PHE C 33 10.13 -4.46 2.64
CA PHE C 33 11.32 -3.71 3.00
C PHE C 33 10.98 -2.39 3.70
N ILE C 34 9.81 -1.81 3.41
CA ILE C 34 9.29 -0.76 4.28
C ILE C 34 9.14 -1.27 5.70
N ILE C 35 8.63 -2.49 5.86
CA ILE C 35 8.49 -3.08 7.19
C ILE C 35 9.85 -3.28 7.84
N ARG C 36 10.84 -3.75 7.07
CA ARG C 36 12.18 -3.89 7.61
C ARG C 36 12.73 -2.55 8.09
N ALA C 37 12.53 -1.50 7.31
CA ALA C 37 12.96 -0.16 7.70
C ALA C 37 12.28 0.26 9.01
N GLN C 38 10.98 -0.02 9.14
CA GLN C 38 10.27 0.37 10.36
C GLN C 38 10.76 -0.43 11.56
N ALA C 39 11.09 -1.71 11.36
CA ALA C 39 11.63 -2.52 12.44
C ALA C 39 12.97 -1.98 12.93
N HIS C 40 13.84 -1.59 11.99
CA HIS C 40 15.13 -1.04 12.39
C HIS C 40 14.98 0.33 13.04
N ILE C 41 14.02 1.13 12.57
CA ILE C 41 13.70 2.39 13.24
C ILE C 41 13.31 2.14 14.68
N ARG C 42 12.45 1.15 14.90
CA ARG C 42 12.02 0.86 16.26
C ARG C 42 13.16 0.31 17.11
N ARG C 43 14.10 -0.41 16.48
CA ARG C 43 15.31 -0.82 17.19
C ARG C 43 16.09 0.40 17.67
N HIS C 44 16.34 1.35 16.76
CA HIS C 44 17.09 2.56 17.13
C HIS C 44 16.36 3.38 18.20
N LEU C 45 15.03 3.31 18.23
CA LEU C 45 14.24 4.11 19.16
C LEU C 45 14.06 3.48 20.53
N VAL C 46 14.50 2.24 20.73
CA VAL C 46 14.19 1.53 21.98
C VAL C 46 14.82 2.24 23.19
#